data_6JZZ
#
_entry.id   6JZZ
#
_cell.length_a   66.527
_cell.length_b   72.335
_cell.length_c   137.196
_cell.angle_alpha   90.00
_cell.angle_beta   90.00
_cell.angle_gamma   90.00
#
_symmetry.space_group_name_H-M   'P 21 21 21'
#
loop_
_entity.id
_entity.type
_entity.pdbx_description
1 polymer 'Long-chain acyl-[acyl-carrier-protein] reductase'
2 polymer 'Aldehyde decarbonylase'
3 non-polymer 'STEAROYL-COENZYME A'
4 non-polymer 'FE (II) ION'
5 non-polymer HEXADECAN-1-OL
6 water water
#
loop_
_entity_poly.entity_id
_entity_poly.type
_entity_poly.pdbx_seq_one_letter_code
_entity_poly.pdbx_strand_id
1 'polypeptide(L)'
;MFGLIGHLTSLEQARDVSRRMGYDEYADQGLEFWSSAPPQIVDEITVTSATGKVIHGRYIESCFLPEMLAARRFKTATRK
VLNAMSHAQKHGIDISALGGFTSIIFENFDLASLRQVRDTTLEFERFTTGNTHTAYVICRQVEAAAKTLGIDITQATVAV
VGATGDIGSAVCRWLDLKLGVGDLILTARNQERLDNLQAELGRGKILPLEAALPEADFIVWVASMPQGVVIDPATLKQPC
VLIDGGYPKNLGSKVQGEGIYVLNGGVVEHCFDIDWQIMSAAEMARPERQMFASFAEAMLLEFEGWHTNFSWGRNQITIE
KMEAIGEASVRHGFQPLALAI
;
A
2 'polypeptide(L)'
;MRTPWDPPNPTFSLSSVSGDRRLMPQLEASLELDFQSESYKDAYSRINAIVIEGEQEAFDNYNRLAEMLPDQRDELHKLA
KMEQRHMKGFMACGKNLSVTPDMGFAQKFFERLHENFKAAAAEGKVVTCLLIQSLIIECFAIAAYNIYIPVADAFARKIT
EGVVRDEYLHRNFGEEWLKANFDASKAELEEANRQNLPLVWLMLNEVADDARELGMERESLVEDFMIAYGEALENIGFTT
REIMRMSAYGLAAV
;
B
#
# COMPACT_ATOMS: atom_id res chain seq x y z
N MET A 1 14.59 -12.95 2.13
CA MET A 1 13.41 -12.25 2.64
C MET A 1 12.59 -11.79 1.45
N PHE A 2 11.50 -12.50 1.17
CA PHE A 2 10.54 -12.10 0.15
C PHE A 2 9.40 -11.31 0.78
N GLY A 3 8.70 -10.57 -0.06
CA GLY A 3 7.59 -9.76 0.39
C GLY A 3 6.33 -10.03 -0.39
N LEU A 4 5.19 -9.96 0.30
CA LEU A 4 3.87 -10.10 -0.27
C LEU A 4 3.11 -8.82 0.08
N ILE A 5 2.82 -7.98 -0.91
CA ILE A 5 2.06 -6.76 -0.68
C ILE A 5 0.64 -7.00 -1.19
N GLY A 6 -0.35 -6.59 -0.40
CA GLY A 6 -1.69 -7.08 -0.63
C GLY A 6 -2.72 -6.09 -0.14
N HIS A 7 -3.98 -6.45 -0.31
CA HIS A 7 -5.07 -5.58 0.09
C HIS A 7 -6.32 -6.41 0.27
N LEU A 8 -7.42 -5.76 0.66
CA LEU A 8 -8.66 -6.45 0.93
C LEU A 8 -9.68 -6.27 -0.19
N THR A 9 -10.77 -7.03 -0.09
CA THR A 9 -11.78 -6.98 -1.14
C THR A 9 -12.80 -5.88 -0.90
N SER A 10 -13.19 -5.69 0.36
CA SER A 10 -14.29 -4.79 0.61
C SER A 10 -14.15 -4.22 2.00
N LEU A 11 -14.88 -3.13 2.24
CA LEU A 11 -14.87 -2.51 3.54
C LEU A 11 -15.40 -3.53 4.54
N GLU A 12 -16.43 -4.28 4.14
CA GLU A 12 -16.96 -5.33 5.01
C GLU A 12 -15.87 -6.31 5.44
N GLN A 13 -15.03 -6.74 4.49
CA GLN A 13 -13.95 -7.68 4.82
C GLN A 13 -12.92 -7.02 5.72
N ALA A 14 -12.67 -5.74 5.50
CA ALA A 14 -11.75 -5.02 6.36
C ALA A 14 -12.32 -4.93 7.76
N ARG A 15 -13.63 -4.80 7.89
CA ARG A 15 -14.24 -4.77 9.20
C ARG A 15 -14.03 -6.09 9.92
N ASP A 16 -14.33 -7.18 9.21
CA ASP A 16 -14.24 -8.53 9.79
C ASP A 16 -12.81 -8.91 10.08
N VAL A 17 -11.92 -8.71 9.11
CA VAL A 17 -10.52 -9.04 9.32
C VAL A 17 -9.91 -8.22 10.44
N SER A 18 -10.31 -6.94 10.57
CA SER A 18 -9.85 -6.14 11.71
C SER A 18 -10.30 -6.73 13.04
N ARG A 19 -11.55 -7.16 13.13
CA ARG A 19 -12.01 -7.70 14.40
C ARG A 19 -11.46 -9.10 14.65
N ARG A 20 -11.27 -9.90 13.59
CA ARG A 20 -10.61 -11.19 13.74
C ARG A 20 -9.20 -11.06 14.31
N MET A 21 -8.45 -10.05 13.85
CA MET A 21 -7.13 -9.69 14.38
C MET A 21 -7.20 -9.03 15.75
N GLY A 22 -8.40 -8.72 16.26
CA GLY A 22 -8.56 -8.22 17.61
C GLY A 22 -8.74 -6.72 17.78
N TYR A 23 -8.64 -5.96 16.68
CA TYR A 23 -8.79 -4.49 16.75
C TYR A 23 -10.23 -4.06 16.52
N ASP A 24 -11.01 -4.00 17.59
CA ASP A 24 -12.44 -3.59 17.53
C ASP A 24 -12.56 -2.14 17.08
N GLU A 25 -11.61 -1.30 17.47
CA GLU A 25 -11.66 0.14 17.08
C GLU A 25 -11.54 0.31 15.56
N TYR A 26 -10.74 -0.51 14.88
CA TYR A 26 -10.55 -0.32 13.46
C TYR A 26 -11.82 -0.63 12.66
N ALA A 27 -12.57 -1.64 13.11
CA ALA A 27 -13.71 -2.10 12.34
C ALA A 27 -14.84 -1.05 12.28
N ASP A 28 -14.86 -0.12 13.21
CA ASP A 28 -15.92 0.88 13.26
C ASP A 28 -15.90 1.79 12.08
N GLN A 29 -14.69 2.01 11.56
CA GLN A 29 -14.35 3.06 10.55
C GLN A 29 -14.98 2.94 9.16
N GLY A 30 -15.10 4.11 8.49
CA GLY A 30 -15.61 4.32 7.16
C GLY A 30 -14.48 4.34 6.16
N LEU A 31 -14.73 4.79 4.95
CA LEU A 31 -13.69 4.88 3.95
C LEU A 31 -12.62 5.86 4.33
N GLU A 32 -12.93 6.90 5.06
CA GLU A 32 -11.92 7.88 5.38
C GLU A 32 -10.78 7.34 6.19
N PHE A 33 -11.05 6.52 7.18
CA PHE A 33 -9.92 6.02 7.92
C PHE A 33 -8.96 5.26 7.01
N TRP A 34 -9.48 4.32 6.22
CA TRP A 34 -8.59 3.49 5.40
C TRP A 34 -7.83 4.36 4.39
N SER A 35 -8.36 5.53 4.03
CA SER A 35 -7.70 6.41 3.07
C SER A 35 -6.51 7.15 3.65
N SER A 36 -6.31 7.08 4.96
CA SER A 36 -5.16 7.72 5.59
C SER A 36 -4.34 6.75 6.42
N ALA A 37 -4.62 5.44 6.33
CA ALA A 37 -3.91 4.45 7.14
C ALA A 37 -2.55 4.14 6.53
N PRO A 38 -1.57 3.78 7.35
CA PRO A 38 -0.24 3.51 6.84
C PRO A 38 -0.07 2.02 6.62
N PRO A 39 0.96 1.60 5.88
CA PRO A 39 1.12 0.18 5.61
C PRO A 39 1.67 -0.54 6.84
N GLN A 40 1.28 -1.79 7.04
CA GLN A 40 1.79 -2.54 8.17
C GLN A 40 2.24 -3.91 7.72
N ILE A 41 3.35 -4.38 8.28
CA ILE A 41 3.71 -5.79 8.23
C ILE A 41 2.80 -6.47 9.26
N VAL A 42 1.90 -7.35 8.82
CA VAL A 42 0.98 -7.95 9.75
C VAL A 42 1.21 -9.44 9.90
N ASP A 43 2.28 -9.98 9.34
CA ASP A 43 2.41 -11.44 9.36
C ASP A 43 3.80 -11.83 8.87
N GLU A 44 4.39 -12.81 9.54
CA GLU A 44 5.69 -13.34 9.14
C GLU A 44 5.52 -14.78 8.69
N ILE A 45 6.14 -15.11 7.56
CA ILE A 45 5.89 -16.36 6.83
C ILE A 45 7.19 -17.14 6.73
N THR A 46 7.15 -18.42 7.10
CA THR A 46 8.21 -19.38 6.82
C THR A 46 7.65 -20.48 5.94
N VAL A 47 8.37 -20.79 4.87
CA VAL A 47 7.97 -21.75 3.85
C VAL A 47 9.13 -22.71 3.61
N THR A 48 8.81 -23.99 3.49
CA THR A 48 9.79 -25.01 3.12
C THR A 48 9.51 -25.49 1.70
N SER A 49 10.55 -25.52 0.87
CA SER A 49 10.41 -26.06 -0.47
C SER A 49 10.38 -27.58 -0.43
N ALA A 50 10.05 -28.17 -1.59
CA ALA A 50 10.17 -29.62 -1.76
C ALA A 50 11.63 -30.05 -1.93
N THR A 51 12.51 -29.12 -2.32
CA THR A 51 13.92 -29.44 -2.31
C THR A 51 14.50 -29.41 -0.91
N GLY A 52 13.81 -28.76 0.03
CA GLY A 52 14.28 -28.70 1.40
C GLY A 52 14.77 -27.32 1.81
N LYS A 53 15.03 -26.42 0.85
CA LYS A 53 15.38 -25.05 1.16
C LYS A 53 14.26 -24.39 1.96
N VAL A 54 14.65 -23.55 2.93
CA VAL A 54 13.70 -22.78 3.74
C VAL A 54 13.88 -21.30 3.42
N ILE A 55 12.77 -20.59 3.30
CA ILE A 55 12.79 -19.15 3.03
C ILE A 55 11.82 -18.47 3.97
N HIS A 56 12.03 -17.18 4.19
CA HIS A 56 11.23 -16.40 5.11
C HIS A 56 10.69 -15.17 4.42
N GLY A 57 9.48 -14.79 4.80
CA GLY A 57 8.83 -13.67 4.14
C GLY A 57 8.03 -12.84 5.11
N ARG A 58 7.45 -11.78 4.56
CA ARG A 58 6.61 -10.86 5.33
C ARG A 58 5.42 -10.50 4.47
N TYR A 59 4.29 -10.20 5.10
CA TYR A 59 3.12 -9.71 4.36
C TYR A 59 2.83 -8.27 4.76
N ILE A 60 2.76 -7.38 3.77
CA ILE A 60 2.50 -5.94 3.94
C ILE A 60 1.04 -5.66 3.59
N GLU A 61 0.32 -5.04 4.49
CA GLU A 61 -1.02 -4.62 4.15
C GLU A 61 -0.99 -3.19 3.62
N SER A 62 -1.43 -2.98 2.40
CA SER A 62 -1.38 -1.66 1.80
C SER A 62 -2.53 -0.76 2.25
N CYS A 63 -3.68 -1.32 2.59
CA CYS A 63 -4.87 -0.55 3.03
C CYS A 63 -5.60 0.06 1.85
N PHE A 64 -5.37 -0.47 0.67
CA PHE A 64 -6.17 -0.13 -0.48
C PHE A 64 -7.46 -0.94 -0.42
N LEU A 65 -8.55 -0.34 -0.90
CA LEU A 65 -9.82 -1.01 -1.10
C LEU A 65 -10.33 -0.57 -2.45
N PRO A 66 -10.92 -1.46 -3.25
CA PRO A 66 -11.35 -1.11 -4.61
C PRO A 66 -12.46 -0.06 -4.68
N GLU A 67 -13.26 0.09 -3.61
CA GLU A 67 -14.14 1.23 -3.41
C GLU A 67 -13.49 2.57 -3.73
N MET A 68 -12.21 2.73 -3.43
N MET A 68 -12.19 2.70 -3.47
CA MET A 68 -11.53 4.00 -3.69
CA MET A 68 -11.44 3.93 -3.68
C MET A 68 -11.48 4.34 -5.17
C MET A 68 -11.23 4.26 -5.15
N LEU A 69 -11.55 3.35 -6.06
CA LEU A 69 -11.48 3.65 -7.50
C LEU A 69 -12.82 4.13 -8.01
N ALA A 70 -13.90 3.45 -7.59
CA ALA A 70 -15.27 3.87 -7.88
C ALA A 70 -15.53 5.28 -7.36
N ALA A 71 -15.02 5.61 -6.17
CA ALA A 71 -15.12 6.92 -5.57
C ALA A 71 -14.04 7.87 -6.07
N ARG A 72 -13.47 7.62 -7.26
CA ARG A 72 -12.56 8.54 -7.96
C ARG A 72 -11.45 9.08 -7.06
N ARG A 73 -10.98 8.28 -6.13
CA ARG A 73 -9.82 8.66 -5.32
C ARG A 73 -8.53 8.10 -5.91
N PHE A 74 -8.22 8.52 -7.14
CA PHE A 74 -6.99 8.04 -7.78
C PHE A 74 -5.76 8.60 -7.08
N LYS A 75 -5.90 9.81 -6.50
CA LYS A 75 -4.89 10.38 -5.62
C LYS A 75 -4.52 9.42 -4.51
N THR A 76 -5.54 8.97 -3.74
CA THR A 76 -5.29 8.10 -2.60
C THR A 76 -4.75 6.76 -3.04
N ALA A 77 -5.36 6.17 -4.08
CA ALA A 77 -4.97 4.83 -4.49
C ALA A 77 -3.47 4.77 -4.78
N THR A 78 -2.95 5.84 -5.38
CA THR A 78 -1.55 5.90 -5.74
C THR A 78 -0.66 5.98 -4.51
N ARG A 79 -1.02 6.85 -3.54
CA ARG A 79 -0.24 6.89 -2.30
C ARG A 79 -0.14 5.51 -1.67
N LYS A 80 -1.25 4.78 -1.62
CA LYS A 80 -1.22 3.50 -0.92
C LYS A 80 -0.22 2.56 -1.57
N VAL A 81 -0.16 2.56 -2.90
CA VAL A 81 0.82 1.74 -3.62
C VAL A 81 2.24 2.18 -3.35
N LEU A 82 2.49 3.50 -3.31
CA LEU A 82 3.87 3.95 -3.16
C LEU A 82 4.36 3.83 -1.71
N ASN A 83 3.47 4.05 -0.73
CA ASN A 83 3.87 3.88 0.66
C ASN A 83 4.20 2.44 0.96
N ALA A 84 3.42 1.51 0.38
CA ALA A 84 3.65 0.10 0.62
C ALA A 84 4.95 -0.35 0.00
N MET A 85 5.27 0.14 -1.19
CA MET A 85 6.54 -0.25 -1.82
C MET A 85 7.71 0.36 -1.06
N SER A 86 7.63 1.67 -0.80
CA SER A 86 8.59 2.31 0.08
C SER A 86 8.75 1.55 1.40
N HIS A 87 7.64 1.12 2.00
CA HIS A 87 7.72 0.44 3.29
C HIS A 87 8.55 -0.83 3.17
N ALA A 88 8.32 -1.62 2.11
CA ALA A 88 9.01 -2.91 1.97
C ALA A 88 10.50 -2.73 1.69
N GLN A 89 10.88 -1.64 1.03
CA GLN A 89 12.30 -1.36 0.83
C GLN A 89 12.96 -1.03 2.16
N LYS A 90 12.42 -0.04 2.89
CA LYS A 90 12.96 0.30 4.21
C LYS A 90 13.25 -0.94 5.07
N HIS A 91 12.48 -2.01 4.92
CA HIS A 91 12.71 -3.18 5.75
C HIS A 91 13.66 -4.19 5.10
N GLY A 92 14.31 -3.82 4.01
CA GLY A 92 15.27 -4.70 3.36
C GLY A 92 14.69 -6.01 2.89
N ILE A 93 13.60 -5.95 2.13
CA ILE A 93 13.00 -7.12 1.52
C ILE A 93 13.56 -7.23 0.10
N ASP A 94 14.03 -8.41 -0.26
CA ASP A 94 14.89 -8.48 -1.43
C ASP A 94 14.06 -8.54 -2.71
N ILE A 95 12.89 -9.18 -2.68
CA ILE A 95 11.98 -9.23 -3.82
C ILE A 95 10.55 -9.29 -3.30
N SER A 96 9.66 -8.47 -3.86
CA SER A 96 8.29 -8.40 -3.38
C SER A 96 7.31 -8.54 -4.54
N ALA A 97 6.19 -9.22 -4.32
CA ALA A 97 5.12 -9.32 -5.31
C ALA A 97 4.03 -8.27 -5.05
N LEU A 98 3.56 -7.62 -6.10
CA LEU A 98 2.51 -6.59 -5.98
C LEU A 98 1.13 -7.21 -6.21
N GLY A 99 0.52 -7.66 -5.12
CA GLY A 99 -0.62 -8.52 -5.24
C GLY A 99 -1.86 -7.72 -5.58
N GLY A 100 -2.71 -8.32 -6.40
CA GLY A 100 -4.01 -7.74 -6.69
C GLY A 100 -3.87 -6.46 -7.50
N PHE A 101 -4.64 -5.47 -7.09
CA PHE A 101 -4.74 -4.21 -7.77
C PHE A 101 -3.49 -3.34 -7.62
N THR A 102 -2.56 -3.68 -6.75
CA THR A 102 -1.42 -2.78 -6.63
C THR A 102 -0.60 -2.76 -7.91
N SER A 103 -0.50 -3.89 -8.63
CA SER A 103 0.26 -3.90 -9.88
C SER A 103 -0.47 -3.16 -10.99
N ILE A 104 -1.79 -3.25 -10.99
CA ILE A 104 -2.61 -2.49 -11.92
C ILE A 104 -2.37 -1.02 -11.80
N ILE A 105 -2.57 -0.48 -10.60
CA ILE A 105 -2.41 0.96 -10.36
C ILE A 105 -1.03 1.43 -10.77
N PHE A 106 0.00 0.61 -10.51
CA PHE A 106 1.37 0.97 -10.85
C PHE A 106 1.51 1.26 -12.34
N GLU A 107 0.98 0.37 -13.20
CA GLU A 107 1.07 0.62 -14.62
C GLU A 107 0.10 1.72 -15.06
N ASN A 108 -1.18 1.59 -14.69
CA ASN A 108 -2.20 2.47 -15.22
C ASN A 108 -1.92 3.95 -14.96
N PHE A 109 -1.19 4.27 -13.89
CA PHE A 109 -0.98 5.66 -13.50
C PHE A 109 0.49 6.08 -13.62
N ASP A 110 1.26 5.37 -14.43
CA ASP A 110 2.66 5.72 -14.72
C ASP A 110 3.42 6.06 -13.43
N LEU A 111 3.37 5.13 -12.48
CA LEU A 111 4.08 5.30 -11.22
C LEU A 111 5.57 5.02 -11.35
N ALA A 112 6.07 4.60 -12.51
CA ALA A 112 7.51 4.53 -12.68
C ALA A 112 8.13 5.92 -12.69
N SER A 113 7.32 6.93 -13.00
CA SER A 113 7.75 8.32 -13.02
C SER A 113 7.96 8.88 -11.63
N LEU A 114 7.24 8.37 -10.63
CA LEU A 114 7.25 8.93 -9.27
C LEU A 114 8.12 8.14 -8.32
N ARG A 115 9.27 7.63 -8.76
CA ARG A 115 9.98 6.66 -7.96
C ARG A 115 10.64 7.26 -6.72
N GLN A 116 10.55 8.56 -6.50
CA GLN A 116 11.12 9.13 -5.31
C GLN A 116 10.00 9.24 -4.35
N VAL A 117 10.05 8.44 -3.29
CA VAL A 117 9.01 8.43 -2.28
C VAL A 117 9.66 8.68 -0.99
N ARG A 118 9.29 9.78 -0.34
CA ARG A 118 9.81 10.24 0.96
C ARG A 118 11.31 10.55 0.95
N ASP A 119 11.78 10.70 -0.29
CA ASP A 119 13.18 10.86 -0.61
C ASP A 119 13.92 9.52 -0.77
N THR A 120 13.23 8.36 -0.84
CA THR A 120 13.99 7.13 -0.96
C THR A 120 13.69 6.71 -2.37
N THR A 121 14.72 6.48 -3.17
CA THR A 121 14.50 6.11 -4.56
C THR A 121 14.13 4.63 -4.60
N LEU A 122 12.97 4.32 -5.21
CA LEU A 122 12.49 2.96 -5.36
C LEU A 122 13.32 2.18 -6.38
N GLU A 123 13.96 1.12 -5.93
CA GLU A 123 14.73 0.23 -6.78
C GLU A 123 13.77 -0.80 -7.39
N PHE A 124 13.30 -0.51 -8.60
CA PHE A 124 12.35 -1.39 -9.25
C PHE A 124 12.85 -2.82 -9.37
N GLU A 125 14.14 -3.07 -9.28
CA GLU A 125 14.53 -4.46 -9.39
C GLU A 125 14.15 -5.27 -8.14
N ARG A 126 13.47 -4.65 -7.18
CA ARG A 126 13.09 -5.31 -5.94
C ARG A 126 11.63 -5.72 -5.90
N PHE A 127 10.92 -5.60 -7.03
CA PHE A 127 9.49 -5.86 -7.07
C PHE A 127 9.15 -6.65 -8.34
N THR A 128 8.07 -7.42 -8.27
CA THR A 128 7.57 -8.14 -9.44
C THR A 128 6.04 -8.01 -9.46
N THR A 129 5.45 -8.05 -10.64
CA THR A 129 3.99 -8.07 -10.65
C THR A 129 3.44 -9.45 -10.33
N GLY A 130 4.27 -10.48 -10.38
CA GLY A 130 3.78 -11.82 -10.26
C GLY A 130 2.98 -12.29 -11.45
N ASN A 131 2.84 -11.47 -12.50
CA ASN A 131 1.88 -11.86 -13.53
C ASN A 131 2.35 -13.04 -14.37
N THR A 132 3.65 -13.23 -14.58
CA THR A 132 4.11 -14.36 -15.38
C THR A 132 3.60 -15.68 -14.82
N HIS A 133 3.78 -15.89 -13.52
CA HIS A 133 3.35 -17.15 -12.93
C HIS A 133 1.84 -17.30 -12.99
N THR A 134 1.11 -16.21 -12.68
CA THR A 134 -0.34 -16.27 -12.83
C THR A 134 -0.74 -16.72 -14.23
N ALA A 135 -0.14 -16.17 -15.28
CA ALA A 135 -0.51 -16.59 -16.63
C ALA A 135 -0.23 -18.06 -16.86
N TYR A 136 0.89 -18.60 -16.32
CA TYR A 136 1.20 -20.02 -16.50
C TYR A 136 0.13 -20.88 -15.83
N VAL A 137 -0.12 -20.66 -14.54
CA VAL A 137 -1.08 -21.48 -13.78
C VAL A 137 -2.45 -21.43 -14.40
N ILE A 138 -2.81 -20.32 -15.03
CA ILE A 138 -4.10 -20.25 -15.71
C ILE A 138 -4.11 -21.14 -16.95
N CYS A 139 -3.07 -21.06 -17.77
CA CYS A 139 -2.94 -21.99 -18.88
C CYS A 139 -2.92 -23.44 -18.41
N ARG A 140 -2.19 -23.74 -17.34
CA ARG A 140 -2.17 -25.13 -16.88
C ARG A 140 -3.54 -25.53 -16.35
N GLN A 141 -4.29 -24.56 -15.82
CA GLN A 141 -5.65 -24.83 -15.34
C GLN A 141 -6.63 -25.11 -16.48
N VAL A 142 -6.48 -24.40 -17.61
CA VAL A 142 -7.38 -24.62 -18.74
C VAL A 142 -7.16 -26.00 -19.35
N GLU A 143 -5.90 -26.33 -19.65
CA GLU A 143 -5.51 -27.69 -20.03
C GLU A 143 -6.10 -28.74 -19.10
N ALA A 144 -5.96 -28.53 -17.79
CA ALA A 144 -6.29 -29.58 -16.83
C ALA A 144 -7.79 -29.77 -16.70
N ALA A 145 -8.57 -28.69 -16.77
CA ALA A 145 -10.00 -28.86 -16.69
C ALA A 145 -10.56 -29.40 -18.01
N ALA A 146 -9.84 -29.25 -19.13
CA ALA A 146 -10.30 -29.82 -20.41
C ALA A 146 -10.34 -31.33 -20.35
N LYS A 147 -9.29 -31.96 -19.79
CA LYS A 147 -9.21 -33.42 -19.68
C LYS A 147 -10.16 -33.97 -18.62
N THR A 148 -10.28 -33.27 -17.48
CA THR A 148 -11.15 -33.72 -16.39
C THR A 148 -12.59 -33.93 -16.86
N LEU A 149 -13.07 -33.10 -17.79
CA LEU A 149 -14.46 -33.11 -18.25
C LEU A 149 -14.63 -33.67 -19.65
N GLY A 150 -13.61 -34.28 -20.22
CA GLY A 150 -13.79 -34.98 -21.48
C GLY A 150 -13.92 -34.03 -22.63
N ILE A 151 -13.35 -32.84 -22.50
CA ILE A 151 -13.37 -31.87 -23.58
C ILE A 151 -12.04 -31.96 -24.34
N ASP A 152 -12.11 -31.82 -25.65
CA ASP A 152 -10.91 -31.83 -26.47
C ASP A 152 -10.54 -30.37 -26.70
N ILE A 153 -9.45 -29.92 -26.06
CA ILE A 153 -9.18 -28.49 -26.07
C ILE A 153 -8.88 -28.03 -27.48
N THR A 154 -8.31 -28.89 -28.32
CA THR A 154 -7.84 -28.38 -29.58
C THR A 154 -8.97 -28.06 -30.57
N GLN A 155 -10.21 -28.40 -30.24
CA GLN A 155 -11.38 -28.10 -31.07
C GLN A 155 -12.44 -27.36 -30.25
N ALA A 156 -12.01 -26.58 -29.25
CA ALA A 156 -12.89 -25.86 -28.34
C ALA A 156 -12.68 -24.35 -28.42
N THR A 157 -13.70 -23.60 -28.03
CA THR A 157 -13.65 -22.15 -28.08
C THR A 157 -13.36 -21.61 -26.69
N VAL A 158 -12.35 -20.75 -26.60
CA VAL A 158 -11.92 -20.16 -25.33
C VAL A 158 -11.96 -18.65 -25.47
N ALA A 159 -12.68 -17.98 -24.58
CA ALA A 159 -12.74 -16.53 -24.51
C ALA A 159 -11.81 -16.02 -23.40
N VAL A 160 -11.09 -14.96 -23.70
CA VAL A 160 -10.15 -14.38 -22.74
C VAL A 160 -10.65 -12.98 -22.42
N VAL A 161 -11.30 -12.84 -21.25
CA VAL A 161 -11.89 -11.57 -20.79
C VAL A 161 -10.77 -10.72 -20.19
N GLY A 162 -10.25 -9.78 -20.98
CA GLY A 162 -9.08 -9.02 -20.63
C GLY A 162 -7.89 -9.41 -21.49
N ALA A 163 -8.14 -9.74 -22.77
CA ALA A 163 -7.12 -10.40 -23.59
C ALA A 163 -5.94 -9.51 -23.90
N THR A 164 -6.13 -8.18 -23.97
CA THR A 164 -5.01 -7.28 -24.21
C THR A 164 -4.17 -7.01 -22.97
N GLY A 165 -4.60 -7.47 -21.80
CA GLY A 165 -3.87 -7.23 -20.55
C GLY A 165 -2.48 -7.83 -20.44
N ASP A 166 -1.82 -7.61 -19.30
CA ASP A 166 -0.54 -8.26 -19.07
C ASP A 166 -0.72 -9.77 -19.05
N ILE A 167 -1.58 -10.26 -18.16
CA ILE A 167 -1.82 -11.69 -18.07
C ILE A 167 -2.58 -12.20 -19.28
N GLY A 168 -3.68 -11.50 -19.66
CA GLY A 168 -4.47 -11.88 -20.82
C GLY A 168 -3.70 -12.02 -22.12
N SER A 169 -2.75 -11.12 -22.37
CA SER A 169 -1.96 -11.29 -23.60
C SER A 169 -1.09 -12.52 -23.53
N ALA A 170 -0.50 -12.79 -22.35
CA ALA A 170 0.37 -13.95 -22.20
C ALA A 170 -0.43 -15.25 -22.35
N VAL A 171 -1.59 -15.34 -21.69
CA VAL A 171 -2.42 -16.52 -21.81
C VAL A 171 -2.72 -16.81 -23.28
N CYS A 172 -3.00 -15.75 -24.05
CA CYS A 172 -3.34 -15.96 -25.46
C CYS A 172 -2.15 -16.53 -26.26
N ARG A 173 -0.91 -16.11 -25.96
CA ARG A 173 0.22 -16.67 -26.70
C ARG A 173 0.46 -18.13 -26.33
N TRP A 174 0.25 -18.48 -25.07
CA TRP A 174 0.40 -19.88 -24.66
C TRP A 174 -0.75 -20.74 -25.18
N LEU A 175 -1.98 -20.23 -25.12
CA LEU A 175 -3.08 -21.00 -25.67
C LEU A 175 -2.97 -21.11 -27.17
N ASP A 176 -2.17 -20.25 -27.79
CA ASP A 176 -2.02 -20.29 -29.25
C ASP A 176 -0.97 -21.32 -29.63
N LEU A 177 0.28 -21.15 -29.19
CA LEU A 177 1.34 -22.06 -29.60
C LEU A 177 1.42 -23.35 -28.78
N LYS A 178 1.36 -23.26 -27.45
CA LYS A 178 1.64 -24.41 -26.58
C LYS A 178 0.48 -25.42 -26.50
N LEU A 179 -0.78 -24.97 -26.65
CA LEU A 179 -1.93 -25.87 -26.56
C LEU A 179 -2.74 -25.98 -27.84
N GLY A 180 -2.42 -25.23 -28.89
CA GLY A 180 -3.17 -25.30 -30.14
C GLY A 180 -4.68 -25.25 -29.96
N VAL A 181 -5.18 -24.16 -29.35
CA VAL A 181 -6.61 -24.01 -29.08
C VAL A 181 -7.33 -23.74 -30.39
N GLY A 182 -8.58 -24.22 -30.47
CA GLY A 182 -9.37 -24.11 -31.67
C GLY A 182 -9.57 -22.66 -32.07
N ASP A 183 -10.47 -22.00 -31.39
CA ASP A 183 -10.74 -20.61 -31.67
C ASP A 183 -10.39 -19.77 -30.45
N LEU A 184 -10.04 -18.53 -30.69
CA LEU A 184 -9.70 -17.55 -29.67
C LEU A 184 -10.61 -16.34 -29.80
N ILE A 185 -11.31 -15.99 -28.72
CA ILE A 185 -12.14 -14.80 -28.66
C ILE A 185 -11.46 -13.76 -27.77
N LEU A 186 -11.38 -12.51 -28.26
CA LEU A 186 -10.69 -11.42 -27.59
C LEU A 186 -11.71 -10.36 -27.16
N THR A 187 -11.73 -10.07 -25.86
CA THR A 187 -12.64 -9.10 -25.26
C THR A 187 -11.84 -8.12 -24.41
N ALA A 188 -12.24 -6.84 -24.44
CA ALA A 188 -11.56 -5.78 -23.72
C ALA A 188 -12.43 -4.52 -23.84
N ARG A 189 -11.88 -3.40 -23.35
CA ARG A 189 -12.48 -2.07 -23.43
C ARG A 189 -11.95 -1.33 -24.67
N ASN A 190 -10.64 -1.04 -24.67
CA ASN A 190 -9.99 -0.30 -25.75
C ASN A 190 -9.96 -1.13 -27.03
N GLN A 191 -9.97 -0.44 -28.17
CA GLN A 191 -10.00 -1.07 -29.48
C GLN A 191 -8.63 -1.11 -30.16
N GLU A 192 -7.80 -0.10 -29.97
CA GLU A 192 -6.49 -0.11 -30.61
C GLU A 192 -5.63 -1.26 -30.09
N ARG A 193 -5.66 -1.48 -28.76
CA ARG A 193 -4.83 -2.53 -28.15
C ARG A 193 -5.30 -3.92 -28.58
N LEU A 194 -6.60 -4.07 -28.81
CA LEU A 194 -7.14 -5.35 -29.29
C LEU A 194 -6.70 -5.62 -30.73
N ASP A 195 -6.62 -4.56 -31.55
CA ASP A 195 -6.29 -4.75 -32.96
C ASP A 195 -4.87 -5.26 -33.13
N ASN A 196 -3.95 -4.80 -32.28
CA ASN A 196 -2.55 -5.19 -32.41
C ASN A 196 -2.31 -6.59 -31.86
N LEU A 197 -3.09 -6.98 -30.85
CA LEU A 197 -3.00 -8.35 -30.32
C LEU A 197 -3.48 -9.37 -31.35
N GLN A 198 -4.49 -9.01 -32.15
CA GLN A 198 -4.91 -9.88 -33.26
C GLN A 198 -3.82 -9.90 -34.33
N ALA A 199 -3.16 -8.77 -34.56
CA ALA A 199 -2.08 -8.73 -35.55
C ALA A 199 -0.87 -9.53 -35.09
N GLU A 200 -0.58 -9.56 -33.78
CA GLU A 200 0.56 -10.31 -33.28
C GLU A 200 0.31 -11.81 -33.38
N LEU A 201 -0.90 -12.24 -33.01
CA LEU A 201 -1.19 -13.66 -32.93
C LEU A 201 -1.43 -14.27 -34.30
N GLY A 202 -1.91 -13.46 -35.25
CA GLY A 202 -2.32 -13.96 -36.54
C GLY A 202 -3.59 -14.78 -36.49
N ARG A 203 -4.42 -14.58 -35.47
CA ARG A 203 -5.63 -15.36 -35.30
C ARG A 203 -6.51 -14.69 -34.25
N GLY A 204 -7.73 -15.18 -34.11
CA GLY A 204 -8.67 -14.72 -33.08
C GLY A 204 -9.65 -13.66 -33.57
N LYS A 205 -10.90 -13.78 -33.13
CA LYS A 205 -11.95 -12.81 -33.43
C LYS A 205 -12.22 -11.91 -32.21
N ILE A 206 -12.54 -10.64 -32.47
CA ILE A 206 -12.84 -9.65 -31.42
C ILE A 206 -14.34 -9.49 -31.24
N LEU A 207 -14.83 -9.71 -30.04
CA LEU A 207 -16.23 -9.52 -29.73
C LEU A 207 -16.40 -8.78 -28.42
N PRO A 208 -17.49 -8.05 -28.24
CA PRO A 208 -17.82 -7.49 -26.92
C PRO A 208 -18.08 -8.60 -25.90
N LEU A 209 -18.21 -8.19 -24.63
CA LEU A 209 -18.50 -9.11 -23.53
C LEU A 209 -19.91 -9.70 -23.64
N GLU A 210 -20.87 -8.93 -24.19
CA GLU A 210 -22.25 -9.41 -24.29
C GLU A 210 -22.37 -10.54 -25.32
N ALA A 211 -21.58 -10.47 -26.39
CA ALA A 211 -21.63 -11.38 -27.52
C ALA A 211 -20.68 -12.57 -27.40
N ALA A 212 -19.66 -12.47 -26.53
CA ALA A 212 -18.65 -13.53 -26.46
C ALA A 212 -19.07 -14.65 -25.51
N LEU A 213 -19.84 -14.33 -24.45
CA LEU A 213 -20.20 -15.34 -23.46
C LEU A 213 -20.96 -16.52 -24.05
N PRO A 214 -22.05 -16.32 -24.80
CA PRO A 214 -22.83 -17.48 -25.29
C PRO A 214 -22.06 -18.39 -26.26
N GLU A 215 -20.89 -18.00 -26.79
CA GLU A 215 -20.16 -18.74 -27.81
C GLU A 215 -18.87 -19.41 -27.30
N ALA A 216 -18.70 -19.49 -25.98
CA ALA A 216 -17.46 -19.91 -25.34
C ALA A 216 -17.66 -21.16 -24.51
N ASP A 217 -16.85 -22.19 -24.79
CA ASP A 217 -16.86 -23.39 -23.95
C ASP A 217 -16.08 -23.14 -22.66
N PHE A 218 -14.92 -22.49 -22.79
CA PHE A 218 -14.09 -22.00 -21.68
C PHE A 218 -14.15 -20.48 -21.60
N ILE A 219 -14.41 -19.94 -20.41
CA ILE A 219 -14.36 -18.49 -20.21
C ILE A 219 -13.29 -18.21 -19.17
N VAL A 220 -12.26 -17.47 -19.57
CA VAL A 220 -11.16 -17.08 -18.70
C VAL A 220 -11.27 -15.60 -18.37
N TRP A 221 -11.51 -15.30 -17.09
CA TRP A 221 -11.67 -13.93 -16.59
C TRP A 221 -10.39 -13.41 -15.96
N VAL A 222 -9.78 -12.40 -16.60
CA VAL A 222 -8.55 -11.78 -16.14
C VAL A 222 -8.63 -10.27 -16.32
N ALA A 223 -9.78 -9.69 -16.00
CA ALA A 223 -10.04 -8.26 -16.21
C ALA A 223 -9.98 -7.49 -14.90
N SER A 224 -9.58 -6.23 -15.02
CA SER A 224 -9.39 -5.36 -13.85
C SER A 224 -10.69 -4.62 -13.54
N MET A 225 -11.68 -5.38 -13.13
CA MET A 225 -12.94 -4.76 -12.73
C MET A 225 -12.91 -4.47 -11.23
N PRO A 226 -13.22 -3.24 -10.77
CA PRO A 226 -13.33 -3.00 -9.33
C PRO A 226 -14.47 -3.78 -8.71
N GLN A 227 -15.58 -3.93 -9.43
CA GLN A 227 -16.82 -4.45 -8.86
C GLN A 227 -17.06 -5.94 -9.15
N GLY A 228 -17.20 -6.30 -10.42
CA GLY A 228 -17.54 -7.67 -10.74
C GLY A 228 -18.99 -7.79 -11.17
N VAL A 229 -19.26 -8.55 -12.23
CA VAL A 229 -20.55 -8.48 -12.89
C VAL A 229 -21.41 -9.67 -12.51
N VAL A 230 -22.71 -9.52 -12.75
CA VAL A 230 -23.71 -10.57 -12.53
C VAL A 230 -24.03 -11.26 -13.86
N ILE A 231 -23.65 -12.53 -13.98
CA ILE A 231 -23.89 -13.35 -15.17
C ILE A 231 -24.97 -14.37 -14.86
N ASP A 232 -26.00 -14.48 -15.80
CA ASP A 232 -27.10 -15.45 -15.69
C ASP A 232 -26.74 -16.71 -16.48
N PRO A 233 -26.90 -17.91 -15.90
CA PRO A 233 -26.47 -19.13 -16.60
C PRO A 233 -27.19 -19.38 -17.90
N ALA A 234 -28.36 -18.77 -18.11
CA ALA A 234 -29.10 -18.96 -19.36
C ALA A 234 -28.38 -18.35 -20.56
N THR A 235 -27.45 -17.42 -20.32
CA THR A 235 -26.71 -16.81 -21.41
C THR A 235 -25.58 -17.71 -21.89
N LEU A 236 -25.14 -18.61 -21.05
CA LEU A 236 -24.03 -19.46 -21.32
C LEU A 236 -24.35 -20.75 -21.97
N LYS A 237 -23.35 -21.32 -22.60
CA LYS A 237 -23.41 -22.61 -23.24
C LYS A 237 -23.36 -23.72 -22.21
N GLN A 238 -23.81 -24.90 -22.60
CA GLN A 238 -23.77 -26.06 -21.74
C GLN A 238 -22.96 -27.09 -22.46
N PRO A 239 -21.93 -27.64 -21.84
CA PRO A 239 -21.29 -27.15 -20.62
C PRO A 239 -20.43 -25.91 -20.74
N CYS A 240 -20.24 -25.23 -19.62
CA CYS A 240 -19.42 -24.05 -19.60
C CYS A 240 -18.45 -24.08 -18.47
N VAL A 241 -17.19 -23.79 -18.74
CA VAL A 241 -16.20 -23.75 -17.67
C VAL A 241 -15.67 -22.32 -17.53
N LEU A 242 -15.87 -21.77 -16.32
CA LEU A 242 -15.48 -20.40 -15.97
C LEU A 242 -14.27 -20.45 -15.05
N ILE A 243 -13.14 -19.95 -15.53
CA ILE A 243 -11.93 -19.77 -14.72
C ILE A 243 -11.88 -18.28 -14.36
N ASP A 244 -12.08 -17.97 -13.07
CA ASP A 244 -12.15 -16.59 -12.53
C ASP A 244 -10.88 -16.25 -11.75
N GLY A 245 -9.84 -15.86 -12.47
CA GLY A 245 -8.62 -15.36 -11.86
C GLY A 245 -8.60 -13.92 -11.37
N GLY A 246 -9.72 -13.21 -11.31
CA GLY A 246 -9.67 -11.80 -10.89
C GLY A 246 -9.73 -11.59 -9.38
N TYR A 247 -9.18 -10.46 -8.93
CA TYR A 247 -9.28 -10.00 -7.55
C TYR A 247 -9.74 -8.55 -7.49
N PRO A 248 -10.97 -8.26 -6.98
CA PRO A 248 -12.01 -9.19 -6.54
C PRO A 248 -12.61 -9.96 -7.70
N LYS A 249 -13.36 -11.00 -7.35
CA LYS A 249 -13.88 -11.93 -8.35
C LYS A 249 -14.61 -11.18 -9.45
N ASN A 250 -14.24 -11.50 -10.70
CA ASN A 250 -14.96 -10.88 -11.80
C ASN A 250 -16.38 -11.42 -11.93
N LEU A 251 -16.74 -12.43 -11.15
CA LEU A 251 -18.08 -12.96 -11.09
C LEU A 251 -18.72 -12.54 -9.77
N GLY A 252 -19.63 -11.57 -9.84
CA GLY A 252 -20.31 -11.02 -8.66
C GLY A 252 -21.43 -11.86 -8.07
N SER A 253 -21.42 -13.14 -8.39
CA SER A 253 -22.44 -14.07 -7.93
C SER A 253 -21.92 -15.47 -8.17
N LYS A 254 -22.42 -16.44 -7.40
CA LYS A 254 -21.97 -17.78 -7.69
C LYS A 254 -22.87 -18.33 -8.78
N VAL A 255 -22.32 -18.37 -10.00
CA VAL A 255 -22.98 -18.87 -11.20
C VAL A 255 -23.11 -20.39 -11.11
N GLN A 256 -24.33 -20.89 -10.97
CA GLN A 256 -24.55 -22.33 -10.81
C GLN A 256 -25.72 -22.80 -11.67
N GLY A 257 -25.46 -23.79 -12.51
CA GLY A 257 -26.52 -24.53 -13.18
C GLY A 257 -25.99 -25.82 -13.79
N GLU A 258 -26.90 -26.54 -14.47
CA GLU A 258 -26.53 -27.77 -15.14
C GLU A 258 -25.59 -27.45 -16.29
N GLY A 259 -24.37 -27.97 -16.22
CA GLY A 259 -23.37 -27.74 -17.23
C GLY A 259 -22.45 -26.56 -16.98
N ILE A 260 -22.46 -25.98 -15.78
CA ILE A 260 -21.71 -24.78 -15.42
C ILE A 260 -20.66 -25.19 -14.39
N TYR A 261 -19.38 -25.20 -14.78
CA TYR A 261 -18.30 -25.58 -13.88
C TYR A 261 -17.39 -24.36 -13.59
N VAL A 262 -17.37 -23.93 -12.33
CA VAL A 262 -16.66 -22.73 -11.88
C VAL A 262 -15.39 -23.14 -11.12
N LEU A 263 -14.24 -22.72 -11.63
CA LEU A 263 -12.96 -22.96 -11.00
C LEU A 263 -12.39 -21.61 -10.60
N ASN A 264 -11.83 -21.54 -9.39
CA ASN A 264 -11.24 -20.31 -8.87
C ASN A 264 -9.83 -20.26 -9.43
N GLY A 265 -9.62 -19.47 -10.48
CA GLY A 265 -8.39 -19.54 -11.25
C GLY A 265 -7.26 -18.69 -10.67
N GLY A 266 -6.04 -19.00 -11.11
CA GLY A 266 -4.85 -18.34 -10.60
C GLY A 266 -4.37 -18.79 -9.25
N VAL A 267 -4.79 -19.95 -8.76
CA VAL A 267 -4.45 -20.39 -7.41
C VAL A 267 -3.49 -21.57 -7.51
N VAL A 268 -2.59 -21.70 -6.55
CA VAL A 268 -1.73 -22.87 -6.52
C VAL A 268 -1.79 -23.47 -5.13
N GLU A 269 -1.31 -24.69 -5.03
CA GLU A 269 -1.37 -25.45 -3.80
C GLU A 269 0.00 -26.02 -3.50
N HIS A 270 0.49 -25.75 -2.31
CA HIS A 270 1.78 -26.25 -1.89
C HIS A 270 1.58 -27.60 -1.23
N CYS A 271 2.64 -28.38 -1.18
CA CYS A 271 2.58 -29.70 -0.57
C CYS A 271 2.83 -29.70 0.94
N PHE A 272 3.23 -28.58 1.54
CA PHE A 272 3.49 -28.52 2.98
C PHE A 272 2.66 -27.39 3.60
N ASP A 273 2.18 -27.61 4.82
CA ASP A 273 1.43 -26.56 5.51
C ASP A 273 2.29 -25.33 5.62
N ILE A 274 1.64 -24.16 5.55
CA ILE A 274 2.31 -22.85 5.65
C ILE A 274 1.89 -22.11 6.91
N ASP A 275 2.88 -21.50 7.54
CA ASP A 275 2.78 -20.84 8.84
C ASP A 275 2.22 -19.42 8.65
N TRP A 276 0.89 -19.30 8.69
CA TRP A 276 0.33 -17.97 8.49
C TRP A 276 -1.18 -17.97 8.74
N GLN A 277 -1.72 -16.75 8.81
CA GLN A 277 -3.12 -16.47 9.04
C GLN A 277 -3.77 -15.66 7.92
N ILE A 278 -3.01 -15.27 6.90
CA ILE A 278 -3.52 -14.28 5.96
C ILE A 278 -4.45 -14.93 4.93
N MET A 279 -4.04 -16.08 4.36
CA MET A 279 -4.90 -16.70 3.35
C MET A 279 -6.20 -17.21 3.97
N SER A 280 -6.27 -17.23 5.32
CA SER A 280 -7.51 -17.60 6.01
C SER A 280 -8.63 -16.65 5.65
N ALA A 281 -8.33 -15.35 5.70
CA ALA A 281 -9.31 -14.33 5.36
C ALA A 281 -9.68 -14.35 3.88
N ALA A 282 -8.72 -14.70 3.01
CA ALA A 282 -8.91 -14.60 1.56
C ALA A 282 -9.89 -15.64 0.98
N GLU A 283 -10.50 -16.48 1.83
CA GLU A 283 -11.53 -17.44 1.41
C GLU A 283 -10.95 -18.53 0.51
N MET A 284 -9.69 -18.88 0.75
CA MET A 284 -9.07 -20.01 0.07
C MET A 284 -9.73 -21.32 0.48
N ALA A 285 -9.94 -22.21 -0.49
CA ALA A 285 -10.57 -23.49 -0.17
C ALA A 285 -9.83 -24.20 0.96
N ARG A 286 -8.50 -24.20 0.95
CA ARG A 286 -7.69 -24.77 2.03
C ARG A 286 -6.56 -23.79 2.40
N PRO A 287 -6.75 -22.94 3.42
CA PRO A 287 -5.93 -21.72 3.51
C PRO A 287 -4.50 -21.96 3.92
N GLU A 288 -4.22 -23.10 4.54
CA GLU A 288 -2.86 -23.42 4.96
C GLU A 288 -2.01 -23.96 3.81
N ARG A 289 -2.65 -24.37 2.72
CA ARG A 289 -1.96 -24.94 1.56
C ARG A 289 -2.04 -24.05 0.34
N GLN A 290 -3.22 -23.50 0.05
CA GLN A 290 -3.48 -22.75 -1.17
C GLN A 290 -3.09 -21.28 -1.04
N MET A 291 -2.84 -20.66 -2.17
CA MET A 291 -2.51 -19.24 -2.23
C MET A 291 -2.62 -18.76 -3.67
N PHE A 292 -2.48 -17.45 -3.85
CA PHE A 292 -2.49 -16.87 -5.19
C PHE A 292 -1.16 -17.06 -5.90
N ALA A 293 -1.24 -17.22 -7.21
CA ALA A 293 -0.06 -17.56 -7.99
C ALA A 293 0.96 -16.43 -7.99
N SER A 294 0.50 -15.16 -7.95
CA SER A 294 1.44 -14.05 -8.02
C SER A 294 2.21 -13.91 -6.72
N PHE A 295 1.62 -14.34 -5.63
CA PHE A 295 2.35 -14.43 -4.38
C PHE A 295 3.36 -15.57 -4.44
N ALA A 296 3.00 -16.65 -5.14
CA ALA A 296 3.90 -17.78 -5.26
C ALA A 296 5.14 -17.40 -6.09
N GLU A 297 4.99 -16.50 -7.07
CA GLU A 297 6.17 -16.05 -7.81
C GLU A 297 7.22 -15.45 -6.89
N ALA A 298 6.80 -14.67 -5.89
CA ALA A 298 7.79 -14.05 -5.02
C ALA A 298 8.55 -15.11 -4.27
N MET A 299 7.84 -16.14 -3.79
CA MET A 299 8.52 -17.28 -3.19
C MET A 299 9.45 -17.97 -4.20
N LEU A 300 8.98 -18.17 -5.43
CA LEU A 300 9.81 -18.83 -6.46
C LEU A 300 11.09 -18.05 -6.72
N LEU A 301 10.99 -16.76 -6.99
CA LEU A 301 12.20 -15.96 -7.17
C LEU A 301 13.13 -16.10 -5.97
N GLU A 302 12.58 -16.22 -4.77
CA GLU A 302 13.42 -16.27 -3.59
C GLU A 302 14.08 -17.65 -3.44
N PHE A 303 13.34 -18.73 -3.73
CA PHE A 303 13.95 -20.06 -3.75
C PHE A 303 15.12 -20.10 -4.73
N GLU A 304 14.98 -19.47 -5.90
CA GLU A 304 16.00 -19.59 -6.93
C GLU A 304 17.11 -18.56 -6.76
N GLY A 305 16.89 -17.53 -5.96
CA GLY A 305 17.80 -16.41 -5.96
C GLY A 305 17.70 -15.46 -7.14
N TRP A 306 16.61 -15.44 -7.89
CA TRP A 306 16.48 -14.50 -9.01
C TRP A 306 15.94 -13.16 -8.49
N HIS A 307 16.77 -12.44 -7.74
CA HIS A 307 16.37 -11.15 -7.18
C HIS A 307 16.30 -10.14 -8.31
N THR A 308 15.12 -10.01 -8.94
CA THR A 308 14.95 -9.07 -10.04
C THR A 308 13.47 -8.82 -10.30
N ASN A 309 13.18 -7.79 -11.11
CA ASN A 309 11.81 -7.57 -11.57
C ASN A 309 11.45 -8.49 -12.74
N PHE A 310 11.40 -9.80 -12.42
CA PHE A 310 11.07 -10.86 -13.37
C PHE A 310 9.82 -10.57 -14.19
N SER A 311 8.71 -10.24 -13.54
CA SER A 311 7.53 -9.75 -14.25
C SER A 311 7.50 -8.24 -14.10
N TRP A 312 7.42 -7.52 -15.21
CA TRP A 312 7.35 -6.07 -15.14
C TRP A 312 6.56 -5.52 -16.32
N GLY A 313 6.03 -4.34 -16.10
CA GLY A 313 5.41 -3.68 -17.22
C GLY A 313 4.16 -4.39 -17.68
N ARG A 314 3.91 -4.27 -18.98
CA ARG A 314 2.73 -4.79 -19.65
C ARG A 314 3.09 -5.24 -21.07
N ASN A 315 2.58 -6.44 -21.44
CA ASN A 315 2.84 -7.10 -22.74
C ASN A 315 4.30 -7.51 -22.94
N GLN A 316 4.99 -7.82 -21.85
CA GLN A 316 6.39 -8.19 -21.89
C GLN A 316 6.62 -9.66 -21.60
N ILE A 317 5.61 -10.38 -21.13
CA ILE A 317 5.74 -11.80 -20.87
C ILE A 317 6.04 -12.49 -22.19
N THR A 318 6.95 -13.45 -22.16
CA THR A 318 7.16 -14.36 -23.28
C THR A 318 6.89 -15.78 -22.83
N ILE A 319 6.79 -16.69 -23.80
CA ILE A 319 6.67 -18.12 -23.49
C ILE A 319 7.92 -18.65 -22.82
N GLU A 320 9.11 -18.14 -23.20
CA GLU A 320 10.34 -18.62 -22.59
C GLU A 320 10.33 -18.39 -21.07
N LYS A 321 9.81 -17.24 -20.61
CA LYS A 321 9.80 -16.96 -19.17
C LYS A 321 8.72 -17.76 -18.45
N MET A 322 7.54 -17.92 -19.08
CA MET A 322 6.48 -18.73 -18.48
C MET A 322 6.95 -20.16 -18.29
N GLU A 323 7.70 -20.68 -19.26
CA GLU A 323 8.27 -22.01 -19.14
C GLU A 323 9.26 -22.09 -17.98
N ALA A 324 10.16 -21.11 -17.88
CA ALA A 324 11.15 -21.06 -16.81
C ALA A 324 10.48 -21.07 -15.43
N ILE A 325 9.55 -20.13 -15.21
CA ILE A 325 8.91 -19.98 -13.92
C ILE A 325 8.06 -21.19 -13.59
N GLY A 326 7.52 -21.86 -14.61
CA GLY A 326 6.71 -23.06 -14.43
C GLY A 326 7.53 -24.27 -14.03
N GLU A 327 8.73 -24.41 -14.64
CA GLU A 327 9.69 -25.42 -14.23
C GLU A 327 9.99 -25.31 -12.75
N ALA A 328 10.26 -24.09 -12.29
CA ALA A 328 10.61 -23.84 -10.89
C ALA A 328 9.41 -24.05 -9.98
N SER A 329 8.21 -23.77 -10.50
CA SER A 329 7.00 -23.95 -9.72
C SER A 329 6.75 -25.42 -9.43
N VAL A 330 6.82 -26.26 -10.46
CA VAL A 330 6.66 -27.68 -10.21
C VAL A 330 7.73 -28.17 -9.26
N ARG A 331 9.00 -27.81 -9.54
CA ARG A 331 10.14 -28.41 -8.85
C ARG A 331 10.17 -28.11 -7.36
N HIS A 332 9.52 -27.02 -6.94
CA HIS A 332 9.49 -26.60 -5.54
C HIS A 332 8.22 -27.01 -4.79
N GLY A 333 7.27 -27.67 -5.44
CA GLY A 333 6.14 -28.25 -4.75
C GLY A 333 4.78 -27.66 -5.04
N PHE A 334 4.66 -26.78 -6.03
CA PHE A 334 3.40 -26.09 -6.32
C PHE A 334 2.62 -26.76 -7.44
N GLN A 335 1.32 -26.89 -7.24
CA GLN A 335 0.45 -27.49 -8.25
C GLN A 335 -0.79 -26.64 -8.50
N PRO A 336 -1.17 -26.41 -9.77
CA PRO A 336 -2.44 -25.72 -10.04
C PRO A 336 -3.64 -26.34 -9.33
N LEU A 337 -4.61 -25.47 -9.00
CA LEU A 337 -5.87 -25.89 -8.41
C LEU A 337 -6.73 -26.58 -9.45
N ALA A 338 -7.44 -27.59 -9.04
CA ALA A 338 -8.23 -28.34 -10.00
C ALA A 338 -9.71 -28.07 -9.74
N LEU A 339 -10.53 -28.62 -10.62
CA LEU A 339 -11.97 -28.57 -10.43
C LEU A 339 -12.37 -29.25 -9.13
N ALA A 340 -13.30 -28.63 -8.41
CA ALA A 340 -13.85 -29.24 -7.22
C ALA A 340 -14.95 -30.22 -7.64
N ILE A 341 -15.10 -31.32 -6.89
CA ILE A 341 -15.97 -32.43 -7.30
C ILE A 341 -16.56 -33.20 -6.11
N GLU B 32 -3.94 26.61 -7.91
CA GLU B 32 -2.95 27.42 -7.21
C GLU B 32 -1.95 27.94 -8.24
N LEU B 33 -0.70 27.54 -8.12
CA LEU B 33 0.28 27.88 -9.13
C LEU B 33 0.47 29.38 -9.12
N ASP B 34 -0.15 30.02 -8.14
CA ASP B 34 0.00 31.42 -8.01
C ASP B 34 -0.37 31.68 -6.61
N PHE B 35 0.52 32.33 -5.89
CA PHE B 35 0.14 32.60 -4.56
C PHE B 35 -0.76 33.80 -4.74
N GLN B 36 -1.82 33.61 -5.51
CA GLN B 36 -2.76 34.67 -5.75
C GLN B 36 -3.40 34.88 -4.41
N SER B 37 -3.39 36.17 -4.02
CA SER B 37 -3.91 36.70 -2.76
C SER B 37 -5.43 36.86 -2.70
N GLU B 38 -5.87 37.14 -1.47
CA GLU B 38 -7.26 37.35 -0.97
C GLU B 38 -8.00 36.06 -0.62
N SER B 39 -7.35 34.94 -0.92
CA SER B 39 -7.83 33.62 -0.59
C SER B 39 -6.61 32.97 0.05
N TYR B 40 -5.53 32.96 -0.73
CA TYR B 40 -4.24 32.42 -0.31
C TYR B 40 -3.57 33.18 0.83
N LYS B 41 -3.64 34.52 0.80
CA LYS B 41 -2.97 35.30 1.86
C LYS B 41 -3.75 35.23 3.18
N ASP B 42 -5.10 35.22 3.11
CA ASP B 42 -5.92 35.02 4.30
C ASP B 42 -5.53 33.73 5.01
N ALA B 43 -5.41 32.64 4.24
CA ALA B 43 -5.16 31.32 4.81
C ALA B 43 -3.70 31.15 5.20
N TYR B 44 -2.79 31.66 4.37
CA TYR B 44 -1.36 31.52 4.70
C TYR B 44 -1.04 32.24 6.01
N SER B 45 -1.84 33.26 6.35
CA SER B 45 -1.62 34.00 7.59
C SER B 45 -1.67 33.07 8.80
N ARG B 46 -2.72 32.27 8.92
CA ARG B 46 -2.80 31.34 10.05
C ARG B 46 -1.70 30.28 9.96
N ILE B 47 -1.51 29.69 8.77
CA ILE B 47 -0.54 28.61 8.66
C ILE B 47 0.86 29.11 8.97
N ASN B 48 1.24 30.30 8.44
CA ASN B 48 2.56 30.85 8.73
C ASN B 48 2.72 31.12 10.23
N ALA B 49 1.65 31.59 10.89
CA ALA B 49 1.73 31.76 12.34
C ALA B 49 1.88 30.42 13.06
N ILE B 50 1.21 29.36 12.57
CA ILE B 50 1.28 28.07 13.26
C ILE B 50 2.67 27.46 13.14
N VAL B 51 3.28 27.55 11.96
CA VAL B 51 4.54 26.85 11.75
C VAL B 51 5.69 27.55 12.49
N ILE B 52 5.68 28.89 12.50
CA ILE B 52 6.77 29.59 13.19
C ILE B 52 6.62 29.45 14.70
N GLU B 53 5.38 29.44 15.20
CA GLU B 53 5.19 29.22 16.64
C GLU B 53 5.66 27.83 17.04
N GLY B 54 5.28 26.81 16.24
CA GLY B 54 5.75 25.46 16.53
C GLY B 54 7.26 25.37 16.47
N GLU B 55 7.85 26.08 15.52
CA GLU B 55 9.30 26.22 15.54
C GLU B 55 9.76 26.91 16.82
N GLN B 56 9.08 27.99 17.23
CA GLN B 56 9.45 28.66 18.47
C GLN B 56 9.19 27.79 19.67
N GLU B 57 8.02 27.15 19.70
CA GLU B 57 7.66 26.32 20.83
C GLU B 57 8.59 25.10 20.90
N ALA B 58 9.04 24.62 19.76
CA ALA B 58 9.99 23.52 19.79
C ALA B 58 11.36 24.00 20.28
N PHE B 59 11.69 25.29 20.06
CA PHE B 59 13.06 25.74 20.35
C PHE B 59 13.32 25.77 21.85
N ASP B 60 12.43 26.42 22.62
CA ASP B 60 12.64 26.39 24.06
C ASP B 60 12.42 24.97 24.59
N ASN B 61 11.40 24.27 24.06
CA ASN B 61 11.09 22.92 24.51
C ASN B 61 12.36 22.05 24.58
N TYR B 62 13.21 22.17 23.55
CA TYR B 62 14.34 21.26 23.43
C TYR B 62 15.36 21.49 24.51
N ASN B 63 15.55 22.74 24.92
CA ASN B 63 16.59 23.04 25.91
C ASN B 63 16.18 22.58 27.32
N ARG B 64 14.90 22.79 27.69
CA ARG B 64 14.47 22.50 29.05
C ARG B 64 14.70 21.04 29.42
N LEU B 65 14.96 20.18 28.44
CA LEU B 65 15.33 18.81 28.77
C LEU B 65 16.75 18.76 29.30
N ALA B 66 17.55 19.81 29.05
CA ALA B 66 18.98 19.77 29.42
C ALA B 66 19.14 19.72 30.94
N GLU B 67 18.29 20.45 31.68
CA GLU B 67 18.18 20.22 33.12
C GLU B 67 17.85 18.76 33.41
N MET B 68 16.77 18.28 32.79
CA MET B 68 16.25 16.96 33.08
C MET B 68 17.24 15.87 32.67
N LEU B 69 17.96 16.08 31.57
CA LEU B 69 18.93 15.09 31.11
C LEU B 69 20.33 15.70 31.21
N PRO B 70 21.21 15.15 32.04
CA PRO B 70 22.47 15.86 32.31
C PRO B 70 23.46 15.78 31.16
N ASP B 71 23.68 14.56 30.63
CA ASP B 71 24.84 14.32 29.77
C ASP B 71 24.71 15.00 28.42
N GLN B 72 23.53 14.96 27.80
CA GLN B 72 23.34 15.49 26.45
C GLN B 72 23.01 16.98 26.42
N ARG B 73 23.27 17.71 27.51
CA ARG B 73 22.77 19.07 27.61
C ARG B 73 23.34 19.98 26.50
N ASP B 74 24.53 19.65 25.99
CA ASP B 74 25.06 20.49 24.93
C ASP B 74 24.45 20.11 23.57
N GLU B 75 24.10 18.83 23.39
CA GLU B 75 23.44 18.40 22.17
C GLU B 75 22.10 19.10 22.02
N LEU B 76 21.40 19.27 23.13
CA LEU B 76 20.05 19.81 23.09
C LEU B 76 20.06 21.28 22.69
N HIS B 77 21.05 22.05 23.17
CA HIS B 77 21.15 23.46 22.82
C HIS B 77 21.35 23.65 21.32
N LYS B 78 22.32 22.93 20.74
CA LYS B 78 22.53 22.96 19.28
C LYS B 78 21.21 22.78 18.54
N LEU B 79 20.50 21.68 18.85
CA LEU B 79 19.24 21.37 18.20
C LEU B 79 18.22 22.47 18.46
N ALA B 80 18.23 23.05 19.66
CA ALA B 80 17.35 24.17 19.94
C ALA B 80 17.71 25.37 19.07
N LYS B 81 19.01 25.58 18.81
CA LYS B 81 19.40 26.66 17.90
C LYS B 81 18.79 26.42 16.52
N MET B 82 19.01 25.23 15.93
CA MET B 82 18.45 24.89 14.63
C MET B 82 17.01 25.32 14.51
N GLU B 83 16.25 25.23 15.60
CA GLU B 83 14.86 25.64 15.54
C GLU B 83 14.77 27.16 15.40
N GLN B 84 15.72 27.88 16.00
CA GLN B 84 15.66 29.33 15.94
C GLN B 84 15.82 29.84 14.50
N ARG B 85 16.82 29.35 13.76
CA ARG B 85 16.98 29.78 12.36
C ARG B 85 15.83 29.28 11.51
N HIS B 86 15.42 28.02 11.72
CA HIS B 86 14.24 27.49 11.05
C HIS B 86 13.12 28.53 11.15
N MET B 87 12.89 29.03 12.38
CA MET B 87 11.88 30.07 12.58
C MET B 87 12.22 31.34 11.82
N LYS B 88 13.51 31.74 11.85
CA LYS B 88 13.95 32.87 11.04
C LYS B 88 13.62 32.64 9.58
N GLY B 89 13.96 31.46 9.07
CA GLY B 89 13.74 31.14 7.67
C GLY B 89 12.27 31.16 7.28
N PHE B 90 11.39 30.64 8.17
CA PHE B 90 9.97 30.73 7.84
C PHE B 90 9.43 32.13 8.07
N MET B 91 10.12 32.92 8.90
CA MET B 91 9.86 34.35 8.90
C MET B 91 10.23 34.97 7.55
N ALA B 92 11.32 34.49 6.93
CA ALA B 92 11.72 34.98 5.60
C ALA B 92 10.66 34.64 4.55
N CYS B 93 9.96 33.52 4.73
CA CYS B 93 8.77 33.24 3.93
C CYS B 93 7.68 34.26 4.18
N GLY B 94 7.71 34.91 5.35
CA GLY B 94 6.87 36.08 5.55
C GLY B 94 7.41 37.30 4.81
N LYS B 95 8.74 37.37 4.65
CA LYS B 95 9.31 38.41 3.80
C LYS B 95 8.97 38.15 2.33
N ASN B 96 8.91 36.89 1.90
CA ASN B 96 8.72 36.58 0.48
C ASN B 96 7.38 37.06 -0.03
N LEU B 97 6.40 37.17 0.85
CA LEU B 97 5.05 37.56 0.49
C LEU B 97 4.54 38.57 1.50
N SER B 98 3.54 39.35 1.08
CA SER B 98 2.99 40.42 1.91
C SER B 98 1.95 39.84 2.88
N VAL B 99 2.45 39.10 3.86
CA VAL B 99 1.64 38.27 4.74
C VAL B 99 1.83 38.71 6.19
N THR B 100 0.72 38.91 6.91
CA THR B 100 0.70 39.27 8.34
C THR B 100 0.32 38.07 9.21
N PRO B 101 1.23 37.55 10.03
CA PRO B 101 0.88 36.41 10.88
C PRO B 101 0.10 36.85 12.11
N ASP B 102 -0.54 35.89 12.78
CA ASP B 102 -1.23 36.18 14.03
C ASP B 102 -0.99 35.08 15.06
N MET B 103 -0.15 35.37 16.07
CA MET B 103 0.16 34.38 17.10
C MET B 103 -1.03 34.11 18.03
N GLY B 104 -2.07 34.94 17.98
CA GLY B 104 -3.17 34.78 18.92
C GLY B 104 -3.99 33.55 18.62
N PHE B 105 -4.32 33.35 17.34
CA PHE B 105 -4.90 32.08 16.92
C PHE B 105 -3.86 30.97 17.04
N ALA B 106 -2.59 31.31 16.82
CA ALA B 106 -1.56 30.28 16.71
C ALA B 106 -1.20 29.71 18.08
N GLN B 107 -1.39 30.48 19.16
CA GLN B 107 -0.91 29.98 20.44
C GLN B 107 -1.96 29.19 21.20
N LYS B 108 -3.25 29.38 20.91
CA LYS B 108 -4.23 28.49 21.51
C LYS B 108 -4.17 27.13 20.86
N PHE B 109 -3.68 27.09 19.61
CA PHE B 109 -3.47 25.83 18.90
C PHE B 109 -2.57 24.88 19.69
N PHE B 110 -1.45 25.39 20.20
CA PHE B 110 -0.50 24.62 20.99
C PHE B 110 -0.80 24.67 22.49
N GLU B 111 -1.93 25.29 22.87
CA GLU B 111 -2.20 25.52 24.28
C GLU B 111 -2.27 24.21 25.04
N ARG B 112 -3.08 23.25 24.56
CA ARG B 112 -3.18 21.94 25.22
C ARG B 112 -1.86 21.18 25.14
N LEU B 113 -1.20 21.23 23.98
CA LEU B 113 0.08 20.57 23.84
C LEU B 113 1.15 21.23 24.72
N HIS B 114 1.11 22.57 24.84
CA HIS B 114 2.09 23.27 25.67
C HIS B 114 1.92 22.93 27.15
N GLU B 115 0.68 23.05 27.64
CA GLU B 115 0.40 22.86 29.06
C GLU B 115 0.77 21.45 29.52
N ASN B 116 0.56 20.43 28.65
CA ASN B 116 0.89 19.07 29.03
C ASN B 116 2.39 18.86 29.09
N PHE B 117 3.15 19.65 28.31
CA PHE B 117 4.60 19.64 28.45
C PHE B 117 5.05 20.40 29.70
N LYS B 118 4.47 21.60 29.91
CA LYS B 118 4.77 22.40 31.09
C LYS B 118 4.60 21.60 32.38
N ALA B 119 3.45 20.95 32.52
CA ALA B 119 3.19 20.21 33.74
C ALA B 119 4.12 19.02 33.86
N ALA B 120 4.38 18.32 32.75
CA ALA B 120 5.12 17.08 32.84
C ALA B 120 6.58 17.34 33.22
N ALA B 121 7.11 18.50 32.81
CA ALA B 121 8.50 18.82 33.12
C ALA B 121 8.66 19.18 34.59
N ALA B 122 7.70 19.94 35.13
CA ALA B 122 7.69 20.27 36.56
C ALA B 122 7.74 19.04 37.44
N GLU B 123 7.04 17.96 37.04
CA GLU B 123 7.04 16.72 37.82
C GLU B 123 8.27 15.85 37.56
N GLY B 124 9.20 16.30 36.70
CA GLY B 124 10.41 15.54 36.44
C GLY B 124 10.23 14.33 35.56
N LYS B 125 9.14 14.28 34.77
CA LYS B 125 8.82 13.14 33.91
C LYS B 125 9.52 13.36 32.58
N VAL B 126 10.79 12.97 32.51
CA VAL B 126 11.52 13.21 31.28
C VAL B 126 10.95 12.36 30.16
N VAL B 127 10.48 11.15 30.50
CA VAL B 127 10.03 10.19 29.49
C VAL B 127 8.79 10.70 28.76
N THR B 128 7.80 11.21 29.50
CA THR B 128 6.69 11.86 28.81
C THR B 128 7.16 13.06 28.02
N CYS B 129 8.17 13.78 28.52
CA CYS B 129 8.60 15.02 27.86
C CYS B 129 9.15 14.74 26.47
N LEU B 130 10.03 13.74 26.36
CA LEU B 130 10.62 13.40 25.09
C LEU B 130 9.56 13.02 24.06
N LEU B 131 8.50 12.33 24.50
CA LEU B 131 7.45 11.93 23.57
C LEU B 131 6.76 13.14 22.95
N ILE B 132 6.38 14.14 23.78
CA ILE B 132 5.65 15.27 23.22
C ILE B 132 6.49 15.96 22.16
N GLN B 133 7.76 16.20 22.45
CA GLN B 133 8.58 16.99 21.54
C GLN B 133 9.26 16.13 20.46
N SER B 134 10.15 15.24 20.89
CA SER B 134 10.97 14.46 19.98
C SER B 134 10.14 13.60 19.02
N LEU B 135 8.97 13.08 19.46
CA LEU B 135 8.14 12.24 18.59
C LEU B 135 6.88 12.94 18.11
N ILE B 136 6.05 13.49 18.99
CA ILE B 136 4.78 14.05 18.53
C ILE B 136 5.01 15.32 17.70
N ILE B 137 5.86 16.23 18.18
CA ILE B 137 5.97 17.51 17.46
C ILE B 137 6.80 17.38 16.19
N GLU B 138 7.87 16.56 16.22
CA GLU B 138 8.72 16.48 15.04
C GLU B 138 8.04 15.72 13.92
N CYS B 139 7.34 14.62 14.24
CA CYS B 139 6.55 13.92 13.24
C CYS B 139 5.51 14.85 12.65
N PHE B 140 4.96 15.74 13.47
CA PHE B 140 3.99 16.71 12.97
C PHE B 140 4.65 17.69 12.01
N ALA B 141 5.90 18.05 12.29
CA ALA B 141 6.68 18.93 11.43
C ALA B 141 7.05 18.22 10.12
N ILE B 142 7.69 17.05 10.24
CA ILE B 142 7.99 16.20 9.10
C ILE B 142 6.79 16.10 8.16
N ALA B 143 5.67 15.60 8.66
CA ALA B 143 4.46 15.51 7.85
C ALA B 143 4.15 16.85 7.17
N ALA B 144 4.10 17.94 7.94
CA ALA B 144 3.64 19.20 7.36
C ALA B 144 4.63 19.73 6.32
N TYR B 145 5.94 19.47 6.50
CA TYR B 145 6.92 19.99 5.55
C TYR B 145 6.91 19.19 4.26
N ASN B 146 6.88 17.84 4.37
CA ASN B 146 6.84 16.97 3.18
C ASN B 146 5.65 17.28 2.28
N ILE B 147 4.45 17.42 2.87
CA ILE B 147 3.27 17.77 2.07
C ILE B 147 3.41 19.15 1.46
N TYR B 148 4.13 20.06 2.13
CA TYR B 148 4.26 21.44 1.65
C TYR B 148 5.15 21.53 0.42
N ILE B 149 6.24 20.75 0.40
CA ILE B 149 7.28 20.88 -0.63
C ILE B 149 6.67 21.06 -2.04
N PRO B 150 5.88 20.10 -2.55
CA PRO B 150 5.40 20.27 -3.94
C PRO B 150 4.60 21.54 -4.18
N VAL B 151 3.57 21.80 -3.36
CA VAL B 151 2.62 22.86 -3.69
C VAL B 151 3.21 24.27 -3.50
N ALA B 152 4.23 24.41 -2.65
CA ALA B 152 4.61 25.73 -2.16
C ALA B 152 5.15 26.63 -3.27
N ASP B 153 5.20 27.92 -2.91
CA ASP B 153 5.71 29.00 -3.75
C ASP B 153 7.16 28.68 -4.06
N ALA B 154 7.64 29.08 -5.23
CA ALA B 154 8.96 28.56 -5.60
C ALA B 154 10.05 28.93 -4.60
N PHE B 155 10.08 30.20 -4.14
CA PHE B 155 11.13 30.60 -3.22
C PHE B 155 11.05 29.80 -1.92
N ALA B 156 9.84 29.70 -1.35
CA ALA B 156 9.67 28.94 -0.12
C ALA B 156 10.10 27.47 -0.27
N ARG B 157 9.90 26.85 -1.46
CA ARG B 157 10.27 25.46 -1.66
C ARG B 157 11.73 25.21 -1.32
N LYS B 158 12.61 26.09 -1.80
CA LYS B 158 14.05 25.93 -1.55
C LYS B 158 14.32 25.86 -0.05
N ILE B 159 13.73 26.77 0.71
CA ILE B 159 14.10 26.95 2.11
C ILE B 159 13.63 25.76 2.96
N THR B 160 12.48 25.18 2.60
CA THR B 160 11.94 24.08 3.40
C THR B 160 12.63 22.76 3.09
N GLU B 161 12.95 22.50 1.82
CA GLU B 161 13.65 21.28 1.44
C GLU B 161 14.92 21.09 2.28
N GLY B 162 15.53 22.19 2.72
CA GLY B 162 16.70 22.06 3.58
C GLY B 162 16.34 21.72 5.01
N VAL B 163 15.21 22.27 5.50
CA VAL B 163 14.85 22.11 6.90
C VAL B 163 14.43 20.67 7.24
N VAL B 164 13.94 19.90 6.27
CA VAL B 164 13.29 18.63 6.60
C VAL B 164 14.30 17.61 7.09
N ARG B 165 15.52 17.63 6.54
CA ARG B 165 16.49 16.62 6.96
C ARG B 165 17.04 16.89 8.36
N ASP B 166 16.90 18.12 8.88
CA ASP B 166 17.21 18.38 10.29
C ASP B 166 16.22 17.72 11.21
N GLU B 167 14.93 17.91 10.91
CA GLU B 167 13.83 17.38 11.70
C GLU B 167 13.95 15.87 11.82
N TYR B 168 14.35 15.22 10.73
CA TYR B 168 14.52 13.78 10.76
C TYR B 168 15.64 13.38 11.73
N LEU B 169 16.64 14.26 11.97
CA LEU B 169 17.65 13.93 12.97
C LEU B 169 17.14 14.19 14.37
N HIS B 170 16.40 15.29 14.49
CA HIS B 170 15.73 15.62 15.73
C HIS B 170 15.03 14.38 16.27
N ARG B 171 14.18 13.75 15.43
CA ARG B 171 13.46 12.55 15.80
C ARG B 171 14.40 11.45 16.30
N ASN B 172 15.59 11.33 15.68
CA ASN B 172 16.53 10.26 16.03
C ASN B 172 17.07 10.46 17.45
N PHE B 173 17.04 11.70 17.96
CA PHE B 173 17.54 11.93 19.31
C PHE B 173 16.67 11.20 20.35
N GLY B 174 15.36 11.44 20.32
CA GLY B 174 14.47 10.72 21.21
C GLY B 174 14.43 9.23 20.92
N GLU B 175 14.44 8.84 19.64
CA GLU B 175 14.39 7.42 19.26
C GLU B 175 15.48 6.61 19.99
N GLU B 176 16.72 7.09 19.97
CA GLU B 176 17.82 6.31 20.52
C GLU B 176 17.85 6.35 22.05
N TRP B 177 17.47 7.49 22.63
CA TRP B 177 17.46 7.60 24.10
C TRP B 177 16.46 6.62 24.70
N LEU B 178 15.23 6.65 24.17
CA LEU B 178 14.18 5.72 24.61
C LEU B 178 14.56 4.29 24.29
N LYS B 179 15.27 4.06 23.18
CA LYS B 179 15.68 2.71 22.83
C LYS B 179 16.56 2.11 23.92
N ALA B 180 17.51 2.92 24.42
CA ALA B 180 18.43 2.44 25.45
C ALA B 180 17.74 2.34 26.79
N ASN B 181 16.70 3.13 26.98
CA ASN B 181 15.91 3.10 28.20
C ASN B 181 14.52 2.51 27.98
N PHE B 182 14.43 1.45 27.19
CA PHE B 182 13.10 1.02 26.75
C PHE B 182 12.25 0.52 27.92
N ASP B 183 12.81 -0.41 28.71
CA ASP B 183 11.98 -1.22 29.61
C ASP B 183 11.42 -0.39 30.76
N ALA B 184 12.20 0.56 31.27
CA ALA B 184 11.70 1.49 32.27
C ALA B 184 10.73 2.50 31.66
N SER B 185 10.94 2.87 30.40
CA SER B 185 10.14 3.93 29.82
C SER B 185 8.87 3.44 29.16
N LYS B 186 8.75 2.13 28.92
CA LYS B 186 7.65 1.64 28.09
C LYS B 186 6.30 2.00 28.68
N ALA B 187 6.09 1.75 29.99
CA ALA B 187 4.78 1.95 30.59
C ALA B 187 4.37 3.43 30.57
N GLU B 188 5.32 4.34 30.78
CA GLU B 188 5.00 5.76 30.74
C GLU B 188 4.81 6.23 29.30
N LEU B 189 5.54 5.62 28.36
CA LEU B 189 5.37 5.98 26.96
C LEU B 189 3.95 5.68 26.50
N GLU B 190 3.43 4.50 26.87
CA GLU B 190 2.05 4.13 26.55
C GLU B 190 1.07 5.16 27.12
N GLU B 191 1.23 5.48 28.40
CA GLU B 191 0.36 6.46 29.07
C GLU B 191 0.44 7.82 28.39
N ALA B 192 1.68 8.28 28.13
CA ALA B 192 1.86 9.61 27.52
C ALA B 192 1.26 9.69 26.12
N ASN B 193 1.27 8.57 25.39
CA ASN B 193 0.63 8.54 24.07
C ASN B 193 -0.89 8.68 24.17
N ARG B 194 -1.52 7.97 25.11
CA ARG B 194 -2.97 8.03 25.21
C ARG B 194 -3.47 9.46 25.46
N GLN B 195 -2.70 10.28 26.16
CA GLN B 195 -3.29 11.58 26.45
C GLN B 195 -3.05 12.59 25.33
N ASN B 196 -1.86 12.55 24.70
CA ASN B 196 -1.48 13.61 23.77
C ASN B 196 -1.82 13.27 22.32
N LEU B 197 -1.59 12.03 21.88
CA LEU B 197 -1.94 11.70 20.50
C LEU B 197 -3.32 12.18 20.09
N PRO B 198 -4.38 12.00 20.88
CA PRO B 198 -5.67 12.58 20.47
C PRO B 198 -5.62 14.06 20.14
N LEU B 199 -4.71 14.80 20.73
CA LEU B 199 -4.70 16.21 20.48
C LEU B 199 -4.39 16.47 19.05
N VAL B 200 -3.47 15.70 18.52
CA VAL B 200 -3.04 15.83 17.16
C VAL B 200 -4.13 15.57 16.18
N TRP B 201 -5.04 14.64 16.45
CA TRP B 201 -6.13 14.39 15.53
C TRP B 201 -6.99 15.63 15.43
N LEU B 202 -7.30 16.20 16.58
CA LEU B 202 -8.09 17.38 16.69
C LEU B 202 -7.42 18.57 16.09
N MET B 203 -6.12 18.66 16.27
CA MET B 203 -5.40 19.79 15.75
C MET B 203 -5.50 19.85 14.24
N LEU B 204 -5.36 18.73 13.55
CA LEU B 204 -5.39 18.75 12.09
C LEU B 204 -6.76 19.17 11.59
N ASN B 205 -7.82 18.83 12.32
CA ASN B 205 -9.18 19.17 11.88
C ASN B 205 -9.43 20.68 11.97
N GLU B 206 -8.82 21.35 12.95
CA GLU B 206 -8.93 22.80 13.04
C GLU B 206 -8.28 23.47 11.83
N VAL B 207 -7.14 22.93 11.41
CA VAL B 207 -6.41 23.45 10.27
C VAL B 207 -6.89 22.87 8.94
N ALA B 208 -7.84 21.92 8.96
CA ALA B 208 -8.16 21.15 7.76
C ALA B 208 -8.49 22.06 6.57
N ASP B 209 -9.42 22.98 6.76
CA ASP B 209 -9.88 23.86 5.69
C ASP B 209 -8.83 24.88 5.25
N ASP B 210 -7.94 25.30 6.17
CA ASP B 210 -6.84 26.19 5.80
C ASP B 210 -5.84 25.46 4.91
N ALA B 211 -5.43 24.26 5.30
CA ALA B 211 -4.42 23.55 4.53
C ALA B 211 -4.91 23.24 3.13
N ARG B 212 -6.23 23.07 2.94
CA ARG B 212 -6.71 22.82 1.58
C ARG B 212 -6.45 24.02 0.69
N GLU B 213 -6.67 25.23 1.22
CA GLU B 213 -6.44 26.47 0.49
C GLU B 213 -5.05 26.53 -0.13
N LEU B 214 -4.05 25.96 0.56
CA LEU B 214 -2.67 25.96 0.09
C LEU B 214 -2.31 24.74 -0.73
N GLY B 215 -3.30 23.90 -1.07
CA GLY B 215 -3.07 22.71 -1.86
C GLY B 215 -2.65 21.48 -1.10
N MET B 216 -2.86 21.43 0.22
CA MET B 216 -2.57 20.26 1.02
C MET B 216 -3.89 19.60 1.43
N GLU B 217 -3.99 18.27 1.26
CA GLU B 217 -5.18 17.54 1.68
C GLU B 217 -5.05 17.13 3.15
N ARG B 218 -6.16 17.18 3.90
CA ARG B 218 -6.11 16.74 5.29
C ARG B 218 -5.69 15.28 5.39
N GLU B 219 -6.26 14.43 4.53
CA GLU B 219 -5.99 13.00 4.58
C GLU B 219 -4.50 12.71 4.44
N SER B 220 -3.84 13.43 3.54
CA SER B 220 -2.44 13.14 3.23
C SER B 220 -1.55 13.52 4.40
N LEU B 221 -1.94 14.56 5.13
CA LEU B 221 -1.18 14.99 6.30
C LEU B 221 -1.20 13.94 7.41
N VAL B 222 -2.39 13.34 7.66
CA VAL B 222 -2.55 12.29 8.67
C VAL B 222 -1.70 11.05 8.35
N GLU B 223 -1.74 10.63 7.08
CA GLU B 223 -0.96 9.49 6.59
C GLU B 223 0.53 9.69 6.85
N ASP B 224 1.07 10.88 6.58
CA ASP B 224 2.50 11.09 6.73
C ASP B 224 2.90 11.22 8.20
N PHE B 225 2.00 11.73 9.05
CA PHE B 225 2.26 11.73 10.48
C PHE B 225 2.32 10.32 11.02
N MET B 226 1.35 9.49 10.63
CA MET B 226 1.34 8.10 11.10
C MET B 226 2.59 7.35 10.66
N ILE B 227 3.00 7.51 9.40
CA ILE B 227 4.22 6.85 8.93
C ILE B 227 5.42 7.32 9.74
N ALA B 228 5.57 8.64 9.93
CA ALA B 228 6.73 9.09 10.69
C ALA B 228 6.64 8.61 12.11
N TYR B 229 5.42 8.63 12.71
CA TYR B 229 5.26 8.25 14.11
C TYR B 229 5.45 6.76 14.31
N GLY B 230 4.89 5.95 13.41
CA GLY B 230 5.03 4.51 13.55
C GLY B 230 6.43 4.00 13.28
N GLU B 231 7.22 4.77 12.51
CA GLU B 231 8.63 4.46 12.30
C GLU B 231 9.43 4.70 13.56
N ALA B 232 9.12 5.79 14.28
CA ALA B 232 9.73 6.03 15.59
C ALA B 232 9.43 4.87 16.54
N LEU B 233 8.13 4.60 16.78
CA LEU B 233 7.76 3.61 17.78
C LEU B 233 8.42 2.27 17.51
N GLU B 234 8.44 1.84 16.24
CA GLU B 234 9.00 0.53 15.90
C GLU B 234 10.47 0.45 16.24
N ASN B 235 11.26 1.49 15.92
CA ASN B 235 12.66 1.49 16.32
C ASN B 235 12.83 1.53 17.83
N ILE B 236 12.05 2.35 18.53
CA ILE B 236 12.14 2.41 19.98
C ILE B 236 11.96 1.01 20.59
N GLY B 237 11.11 0.16 19.99
CA GLY B 237 11.09 -1.25 20.34
C GLY B 237 9.74 -1.92 20.34
N PHE B 238 8.69 -1.14 20.10
CA PHE B 238 7.33 -1.66 20.14
C PHE B 238 7.12 -2.68 19.04
N THR B 239 6.27 -3.68 19.31
CA THR B 239 5.95 -4.64 18.26
C THR B 239 4.78 -4.14 17.44
N THR B 240 4.50 -4.82 16.33
CA THR B 240 3.53 -4.28 15.40
C THR B 240 2.15 -4.14 16.03
N ARG B 241 1.78 -5.12 16.88
CA ARG B 241 0.45 -5.12 17.49
C ARG B 241 0.28 -3.93 18.40
N GLU B 242 1.31 -3.59 19.11
CA GLU B 242 1.25 -2.45 19.99
C GLU B 242 1.09 -1.21 19.20
N ILE B 243 1.83 -1.14 18.12
CA ILE B 243 1.84 0.03 17.28
C ILE B 243 0.48 0.35 16.74
N MET B 244 -0.28 -0.63 16.31
CA MET B 244 -1.59 -0.36 15.78
C MET B 244 -2.55 0.26 16.77
N ARG B 245 -2.60 -0.24 17.98
CA ARG B 245 -3.45 0.32 18.98
C ARG B 245 -3.04 1.74 19.34
N MET B 246 -1.75 1.91 19.57
CA MET B 246 -1.22 3.22 19.97
C MET B 246 -1.38 4.36 18.95
N SER B 247 -1.17 4.07 17.68
CA SER B 247 -1.27 5.08 16.63
C SER B 247 -2.67 5.69 16.43
N ALA B 248 -3.58 4.76 16.64
CA ALA B 248 -5.00 4.83 16.53
C ALA B 248 -5.72 5.74 17.47
N TYR B 249 -5.13 6.13 18.58
CA TYR B 249 -5.87 6.95 19.53
C TYR B 249 -6.37 8.24 18.92
N GLY B 250 -7.57 8.58 19.39
CA GLY B 250 -8.35 9.69 18.89
C GLY B 250 -9.41 9.12 17.95
N LEU B 251 -10.49 9.82 17.67
CA LEU B 251 -11.44 9.16 16.81
C LEU B 251 -10.94 9.39 15.42
N ALA B 252 -9.80 8.76 15.17
CA ALA B 252 -9.01 8.88 13.95
C ALA B 252 -7.76 8.04 13.94
#